data_8SXS
#
_entry.id   8SXS
#
_cell.length_a   59.188
_cell.length_b   60.545
_cell.length_c   62.492
_cell.angle_alpha   90.000
_cell.angle_beta   90.000
_cell.angle_gamma   90.000
#
_symmetry.space_group_name_H-M   'P 21 21 21'
#
loop_
_entity.id
_entity.type
_entity.pdbx_description
1 polymer 'Nudix hydrolase domain-containing protein'
2 water water
#
_entity_poly.entity_id   1
_entity_poly.type   'polypeptide(L)'
_entity_poly.pdbx_seq_one_letter_code
;GPMRCGVVPFHGTSEVWMVPSKESGWILPKGGLDVQDGGDWETCVRREAREEGGFTLGPVEYLGTFGDIVWYKGTVTHKS
DPTDPEVKARGPAKHFTISDARGYLTGYGKKKDAMLEALNAATRGS
;
_entity_poly.pdbx_strand_id   A,B
#
# COMPACT_ATOMS: atom_id res chain seq x y z
N GLY A 1 26.13 -0.29 1.28
CA GLY A 1 25.10 0.07 2.24
C GLY A 1 24.20 -1.09 2.56
N PRO A 2 23.27 -0.90 3.50
CA PRO A 2 22.31 -1.97 3.81
C PRO A 2 21.50 -2.33 2.58
N MET A 3 21.16 -3.61 2.47
CA MET A 3 20.37 -4.13 1.36
C MET A 3 19.10 -4.82 1.85
N ARG A 4 18.72 -4.63 3.12
CA ARG A 4 17.59 -5.30 3.74
C ARG A 4 16.85 -4.29 4.61
N CYS A 5 15.56 -4.54 4.80
N CYS A 5 15.54 -4.48 4.74
CA CYS A 5 14.69 -3.65 5.54
CA CYS A 5 14.74 -3.67 5.63
C CYS A 5 13.72 -4.49 6.38
C CYS A 5 13.87 -4.56 6.49
N GLY A 6 13.32 -3.95 7.54
CA GLY A 6 12.39 -4.67 8.40
C GLY A 6 11.47 -3.70 9.09
N VAL A 7 10.41 -4.26 9.71
CA VAL A 7 9.42 -3.39 10.32
C VAL A 7 8.93 -3.97 11.64
N VAL A 8 8.70 -3.05 12.58
CA VAL A 8 8.01 -3.33 13.83
C VAL A 8 6.55 -2.95 13.59
N PRO A 9 5.66 -3.90 13.37
CA PRO A 9 4.27 -3.56 13.01
C PRO A 9 3.36 -3.65 14.22
N PHE A 10 2.86 -2.53 14.71
CA PHE A 10 2.09 -2.51 15.93
C PHE A 10 0.64 -2.89 15.66
N HIS A 11 0.07 -3.54 16.64
CA HIS A 11 -1.36 -3.83 16.72
C HIS A 11 -1.92 -2.89 17.76
N GLY A 12 -2.64 -1.87 17.33
CA GLY A 12 -3.05 -0.87 18.30
C GLY A 12 -1.86 -0.23 18.98
N THR A 13 -2.10 0.21 20.22
CA THR A 13 -1.11 0.99 20.95
C THR A 13 -0.11 0.13 21.71
N SER A 14 -0.47 -1.11 22.03
CA SER A 14 0.20 -1.81 23.12
C SER A 14 0.66 -3.20 22.72
N GLU A 15 0.43 -3.61 21.49
CA GLU A 15 0.83 -4.94 21.04
C GLU A 15 1.57 -4.82 19.73
N VAL A 16 2.26 -5.90 19.36
CA VAL A 16 3.06 -5.93 18.15
C VAL A 16 2.75 -7.22 17.40
N TRP A 17 2.55 -7.09 16.09
CA TRP A 17 2.35 -8.24 15.23
C TRP A 17 3.68 -8.91 14.97
N MET A 18 3.65 -10.24 14.96
CA MET A 18 4.77 -11.09 14.61
C MET A 18 4.35 -12.19 13.65
N VAL A 19 5.35 -12.73 12.95
CA VAL A 19 5.08 -13.80 11.98
C VAL A 19 5.87 -15.05 12.40
N PRO A 20 5.44 -16.25 12.01
CA PRO A 20 6.13 -17.43 12.52
C PRO A 20 7.56 -17.52 12.03
N SER A 21 8.45 -17.95 12.91
CA SER A 21 9.84 -18.24 12.55
C SER A 21 9.95 -19.67 12.02
N LYS A 22 11.17 -20.08 11.64
CA LYS A 22 11.40 -21.44 11.19
C LYS A 22 11.73 -22.40 12.33
N GLU A 23 11.65 -21.95 13.59
CA GLU A 23 11.89 -22.80 14.75
C GLU A 23 10.71 -22.73 15.71
N SER A 24 9.49 -22.68 15.17
CA SER A 24 8.25 -22.71 15.95
C SER A 24 8.15 -21.55 16.94
N GLY A 25 8.70 -20.41 16.58
CA GLY A 25 8.61 -19.20 17.35
C GLY A 25 8.14 -18.05 16.49
N TRP A 26 8.62 -16.85 16.84
CA TRP A 26 8.07 -15.61 16.29
C TRP A 26 9.19 -14.64 15.93
N ILE A 27 8.99 -13.93 14.82
CA ILE A 27 9.95 -12.94 14.34
C ILE A 27 9.19 -11.72 13.82
N LEU A 28 9.93 -10.66 13.57
CA LEU A 28 9.41 -9.50 12.86
C LEU A 28 9.62 -9.66 11.36
N PRO A 29 8.80 -9.02 10.53
CA PRO A 29 9.02 -9.07 9.09
C PRO A 29 10.28 -8.31 8.68
N LYS A 30 11.10 -8.98 7.89
CA LYS A 30 12.27 -8.34 7.32
C LYS A 30 12.66 -9.12 6.08
N GLY A 31 13.41 -8.44 5.20
CA GLY A 31 13.83 -9.08 3.97
C GLY A 31 14.68 -8.13 3.13
N GLY A 32 15.18 -8.69 2.05
CA GLY A 32 15.99 -7.90 1.15
C GLY A 32 15.18 -7.01 0.23
N LEU A 33 15.86 -5.96 -0.24
CA LEU A 33 15.29 -5.09 -1.26
C LEU A 33 14.90 -5.90 -2.50
N ASP A 34 13.82 -5.46 -3.14
CA ASP A 34 13.32 -5.98 -4.40
C ASP A 34 13.45 -4.88 -5.43
N VAL A 35 13.62 -5.24 -6.70
CA VAL A 35 13.75 -4.21 -7.73
C VAL A 35 12.52 -3.31 -7.77
N GLN A 36 11.36 -3.84 -7.38
CA GLN A 36 10.15 -3.02 -7.40
C GLN A 36 10.23 -1.88 -6.40
N ASP A 37 11.06 -2.02 -5.37
CA ASP A 37 11.18 -0.98 -4.35
C ASP A 37 11.88 0.27 -4.88
N GLY A 38 12.64 0.12 -5.96
CA GLY A 38 13.39 1.24 -6.52
C GLY A 38 14.41 1.80 -5.56
N GLY A 39 14.95 0.97 -4.68
CA GLY A 39 15.91 1.41 -3.70
C GLY A 39 15.33 2.13 -2.51
N ASP A 40 14.02 2.30 -2.45
CA ASP A 40 13.37 3.10 -1.43
C ASP A 40 13.12 2.27 -0.17
N TRP A 41 13.63 2.75 0.97
CA TRP A 41 13.49 1.99 2.21
C TRP A 41 12.04 1.86 2.66
N GLU A 42 11.29 2.97 2.65
CA GLU A 42 9.89 2.91 3.10
C GLU A 42 9.09 1.94 2.23
N THR A 43 9.31 1.96 0.93
CA THR A 43 8.62 1.03 0.04
C THR A 43 8.98 -0.40 0.40
N CYS A 44 10.25 -0.68 0.63
CA CYS A 44 10.65 -2.03 1.01
C CYS A 44 9.97 -2.48 2.30
N VAL A 45 9.95 -1.59 3.30
CA VAL A 45 9.31 -1.89 4.57
C VAL A 45 7.84 -2.25 4.36
N ARG A 46 7.13 -1.44 3.57
CA ARG A 46 5.71 -1.68 3.36
C ARG A 46 5.49 -2.97 2.58
N ARG A 47 6.34 -3.21 1.58
CA ARG A 47 6.22 -4.48 0.82
C ARG A 47 6.48 -5.68 1.74
N GLU A 48 7.51 -5.61 2.58
CA GLU A 48 7.81 -6.74 3.46
C GLU A 48 6.64 -7.02 4.38
N ALA A 49 6.05 -5.95 4.94
CA ALA A 49 4.93 -6.12 5.86
C ALA A 49 3.74 -6.75 5.15
N ARG A 50 3.52 -6.34 3.90
CA ARG A 50 2.42 -6.89 3.12
C ARG A 50 2.67 -8.35 2.77
N GLU A 51 3.89 -8.66 2.31
CA GLU A 51 4.17 -10.01 1.81
C GLU A 51 4.24 -11.01 2.95
N GLU A 52 4.85 -10.64 4.06
N GLU A 52 4.86 -10.63 4.05
CA GLU A 52 5.06 -11.62 5.13
CA GLU A 52 5.10 -11.58 5.14
C GLU A 52 3.87 -11.73 6.07
C GLU A 52 3.92 -11.70 6.11
N GLY A 53 3.09 -10.67 6.22
CA GLY A 53 2.02 -10.68 7.18
C GLY A 53 0.65 -10.27 6.66
N GLY A 54 0.57 -9.82 5.42
CA GLY A 54 -0.67 -9.21 4.97
C GLY A 54 -0.98 -7.89 5.66
N PHE A 55 0.06 -7.19 6.12
CA PHE A 55 -0.11 -5.95 6.87
C PHE A 55 -0.09 -4.76 5.92
N THR A 56 -1.09 -3.91 6.06
CA THR A 56 -1.05 -2.53 5.58
C THR A 56 -0.77 -1.64 6.78
N LEU A 57 0.10 -0.64 6.59
CA LEU A 57 0.54 0.25 7.66
C LEU A 57 0.10 1.69 7.39
N GLY A 58 -0.06 2.44 8.47
CA GLY A 58 -0.23 3.87 8.39
C GLY A 58 1.13 4.53 8.21
N PRO A 59 1.27 5.78 8.65
CA PRO A 59 2.58 6.43 8.56
C PRO A 59 3.64 5.61 9.28
N VAL A 60 4.84 5.57 8.70
CA VAL A 60 5.97 4.83 9.27
C VAL A 60 7.06 5.81 9.73
N GLU A 61 7.83 5.33 10.70
CA GLU A 61 8.93 6.07 11.29
C GLU A 61 10.20 5.22 11.24
N TYR A 62 11.29 5.87 10.83
CA TYR A 62 12.59 5.20 10.81
C TYR A 62 13.12 5.07 12.23
N LEU A 63 13.57 3.86 12.58
CA LEU A 63 14.12 3.56 13.88
C LEU A 63 15.65 3.57 13.90
N GLY A 64 16.27 3.12 12.85
CA GLY A 64 17.71 2.95 12.81
C GLY A 64 18.07 1.79 11.91
N THR A 65 19.36 1.60 11.76
CA THR A 65 19.93 0.50 10.99
C THR A 65 20.63 -0.40 11.98
N PHE A 66 20.10 -1.59 12.15
CA PHE A 66 20.56 -2.55 13.15
C PHE A 66 20.81 -3.88 12.45
N GLY A 67 21.98 -4.46 12.67
CA GLY A 67 22.32 -5.69 11.98
C GLY A 67 22.33 -5.60 10.48
N ASP A 68 22.69 -4.44 9.94
CA ASP A 68 22.74 -4.15 8.51
C ASP A 68 21.37 -4.22 7.86
N ILE A 69 20.33 -4.02 8.65
CA ILE A 69 18.94 -3.95 8.21
C ILE A 69 18.37 -2.60 8.62
N VAL A 70 17.67 -1.95 7.68
CA VAL A 70 17.02 -0.66 7.93
C VAL A 70 15.66 -0.94 8.53
N TRP A 71 15.41 -0.43 9.73
CA TRP A 71 14.19 -0.74 10.48
C TRP A 71 13.29 0.48 10.60
N TYR A 72 11.99 0.26 10.38
CA TYR A 72 10.94 1.22 10.63
C TYR A 72 9.91 0.63 11.57
N LYS A 73 9.08 1.49 12.15
CA LYS A 73 7.86 1.06 12.81
C LYS A 73 6.66 1.66 12.09
N GLY A 74 5.51 1.01 12.26
CA GLY A 74 4.23 1.56 11.82
C GLY A 74 3.14 0.81 12.53
N THR A 75 1.93 1.38 12.47
CA THR A 75 0.76 0.72 13.04
C THR A 75 -0.06 0.11 11.92
N VAL A 76 -0.43 -1.15 12.10
CA VAL A 76 -1.22 -1.86 11.10
C VAL A 76 -2.62 -1.28 11.06
N THR A 77 -3.05 -0.90 9.86
CA THR A 77 -4.39 -0.36 9.63
C THR A 77 -5.30 -1.30 8.84
N HIS A 78 -4.75 -2.37 8.27
CA HIS A 78 -5.54 -3.42 7.64
C HIS A 78 -4.73 -4.70 7.68
N LYS A 79 -5.42 -5.82 7.89
CA LYS A 79 -4.80 -7.15 7.91
C LYS A 79 -5.54 -8.04 6.94
N SER A 80 -4.82 -8.67 6.02
CA SER A 80 -5.38 -9.66 5.13
C SER A 80 -4.52 -10.91 5.17
N ASP A 81 -5.04 -12.01 4.64
CA ASP A 81 -4.26 -13.22 4.61
C ASP A 81 -3.16 -13.10 3.55
N PRO A 82 -1.92 -13.47 3.86
CA PRO A 82 -0.87 -13.43 2.84
C PRO A 82 -1.20 -14.30 1.64
N THR A 83 -0.83 -13.80 0.46
CA THR A 83 -1.15 -14.48 -0.79
C THR A 83 -0.09 -15.50 -1.22
N ASP A 84 1.16 -15.33 -0.79
CA ASP A 84 2.23 -16.24 -1.19
C ASP A 84 1.99 -17.60 -0.54
N PRO A 85 1.89 -18.68 -1.31
CA PRO A 85 1.65 -19.99 -0.66
C PRO A 85 2.73 -20.36 0.34
N GLU A 86 3.97 -19.96 0.14
CA GLU A 86 5.00 -20.33 1.10
C GLU A 86 4.81 -19.58 2.42
N VAL A 87 4.41 -18.31 2.35
CA VAL A 87 4.13 -17.55 3.57
C VAL A 87 2.92 -18.15 4.29
N LYS A 88 1.84 -18.43 3.55
CA LYS A 88 0.66 -19.04 4.16
C LYS A 88 1.02 -20.34 4.87
N ALA A 89 1.87 -21.16 4.25
CA ALA A 89 2.22 -22.43 4.88
C ALA A 89 2.91 -22.25 6.23
N ARG A 90 3.54 -21.12 6.47
CA ARG A 90 4.15 -20.93 7.78
C ARG A 90 3.11 -20.71 8.86
N GLY A 91 1.94 -20.22 8.49
CA GLY A 91 0.84 -20.09 9.41
C GLY A 91 0.58 -18.66 9.80
N PRO A 92 -0.53 -18.48 10.51
CA PRO A 92 -1.02 -17.12 10.80
C PRO A 92 -0.10 -16.25 11.67
N ALA A 93 0.00 -15.00 11.28
CA ALA A 93 0.57 -13.98 12.14
C ALA A 93 -0.26 -13.85 13.40
N LYS A 94 0.37 -13.37 14.47
CA LYS A 94 -0.31 -13.13 15.73
C LYS A 94 0.25 -11.87 16.34
N HIS A 95 -0.55 -11.24 17.19
CA HIS A 95 -0.08 -10.10 17.94
C HIS A 95 0.06 -10.41 19.42
N PHE A 96 1.03 -9.74 20.02
CA PHE A 96 1.46 -10.02 21.38
C PHE A 96 1.72 -8.73 22.12
N THR A 97 1.61 -8.81 23.45
CA THR A 97 2.05 -7.66 24.23
C THR A 97 3.52 -7.35 23.92
N ILE A 98 3.89 -6.09 24.15
N ILE A 98 3.90 -6.10 24.16
CA ILE A 98 5.28 -5.69 23.93
CA ILE A 98 5.28 -5.72 23.89
C ILE A 98 6.21 -6.61 24.70
C ILE A 98 6.23 -6.58 24.71
N SER A 99 5.88 -6.87 25.96
CA SER A 99 6.72 -7.71 26.81
C SER A 99 6.85 -9.12 26.24
N ASP A 100 5.74 -9.71 25.79
CA ASP A 100 5.80 -11.05 25.22
C ASP A 100 6.61 -11.04 23.93
N ALA A 101 6.41 -10.03 23.10
CA ALA A 101 7.17 -9.94 21.86
C ALA A 101 8.66 -9.81 22.13
N ARG A 102 9.02 -8.98 23.12
CA ARG A 102 10.43 -8.85 23.48
C ARG A 102 11.02 -10.19 23.88
N GLY A 103 10.27 -10.98 24.67
CA GLY A 103 10.74 -12.31 25.03
C GLY A 103 10.94 -13.21 23.83
N TYR A 104 10.01 -13.16 22.86
CA TYR A 104 10.11 -13.99 21.66
C TYR A 104 11.28 -13.61 20.76
N LEU A 105 11.87 -12.43 20.95
CA LEU A 105 13.02 -11.97 20.20
C LEU A 105 14.33 -12.05 20.99
N THR A 106 14.29 -12.61 22.21
CA THR A 106 15.40 -12.54 23.15
C THR A 106 16.12 -13.87 23.20
N GLY A 107 17.44 -13.82 23.00
CA GLY A 107 18.29 -14.99 23.17
C GLY A 107 18.68 -15.75 21.92
N TYR A 108 18.37 -15.22 20.74
CA TYR A 108 18.54 -15.92 19.47
C TYR A 108 19.74 -15.45 18.67
N GLY A 109 20.58 -14.61 19.27
CA GLY A 109 21.78 -14.20 18.57
C GLY A 109 21.47 -13.50 17.27
N LYS A 110 22.31 -13.76 16.27
CA LYS A 110 22.20 -13.04 15.01
C LYS A 110 20.85 -13.24 14.34
N LYS A 111 20.14 -14.34 14.64
CA LYS A 111 18.84 -14.53 14.01
C LYS A 111 17.85 -13.44 14.36
N LYS A 112 17.90 -12.89 15.59
CA LYS A 112 16.89 -11.93 15.98
C LYS A 112 17.40 -10.72 16.75
N ASP A 113 18.71 -10.59 16.99
CA ASP A 113 19.19 -9.46 17.79
C ASP A 113 18.80 -8.11 17.17
N ALA A 114 18.87 -7.99 15.85
CA ALA A 114 18.49 -6.73 15.23
C ALA A 114 17.00 -6.47 15.38
N MET A 115 16.19 -7.53 15.30
CA MET A 115 14.78 -7.38 15.54
C MET A 115 14.51 -6.87 16.95
N LEU A 116 15.19 -7.47 17.93
CA LEU A 116 15.07 -7.01 19.31
C LEU A 116 15.48 -5.55 19.45
N GLU A 117 16.61 -5.17 18.84
CA GLU A 117 17.03 -3.78 18.90
C GLU A 117 15.98 -2.86 18.28
N ALA A 118 15.35 -3.30 17.18
CA ALA A 118 14.31 -2.47 16.56
C ALA A 118 13.09 -2.36 17.45
N LEU A 119 12.66 -3.47 18.06
CA LEU A 119 11.53 -3.41 18.97
C LEU A 119 11.81 -2.44 20.10
N ASN A 120 13.02 -2.52 20.68
CA ASN A 120 13.36 -1.66 21.79
C ASN A 120 13.40 -0.20 21.35
N ALA A 121 13.93 0.07 20.15
CA ALA A 121 13.94 1.44 19.65
C ALA A 121 12.53 1.97 19.44
N ALA A 122 11.62 1.09 19.03
CA ALA A 122 10.25 1.45 18.72
C ALA A 122 9.44 1.75 19.96
N THR A 123 9.86 1.23 21.11
CA THR A 123 9.11 1.28 22.35
C THR A 123 9.85 2.07 23.42
N ARG A 124 10.96 2.70 23.06
N ARG A 124 10.97 2.70 23.06
CA ARG A 124 11.76 3.43 24.03
CA ARG A 124 11.77 3.47 24.00
C ARG A 124 11.00 4.67 24.50
C ARG A 124 10.96 4.66 24.50
N GLY A 125 11.10 4.95 25.79
CA GLY A 125 10.45 6.13 26.33
C GLY A 125 11.24 7.39 26.06
N SER A 126 10.61 8.51 26.42
N SER A 126 10.62 8.51 26.43
CA SER A 126 11.23 9.83 26.33
CA SER A 126 11.25 9.82 26.32
C SER A 126 10.99 10.60 27.62
C SER A 126 10.70 10.69 27.44
N GLY B 1 4.61 15.25 -24.86
CA GLY B 1 3.69 15.36 -23.74
C GLY B 1 3.17 14.01 -23.31
N PRO B 2 2.52 13.93 -22.14
CA PRO B 2 1.99 12.64 -21.67
C PRO B 2 0.96 12.10 -22.65
N MET B 3 0.83 10.79 -22.67
CA MET B 3 -0.08 10.12 -23.58
C MET B 3 -1.04 9.20 -22.81
N ARG B 4 -1.18 9.42 -21.51
CA ARG B 4 -2.03 8.60 -20.66
C ARG B 4 -2.74 9.49 -19.65
N CYS B 5 -3.93 9.06 -19.25
CA CYS B 5 -4.75 9.80 -18.30
C CYS B 5 -5.26 8.81 -17.24
N GLY B 6 -5.54 9.32 -16.06
CA GLY B 6 -6.08 8.49 -15.00
C GLY B 6 -7.07 9.29 -14.16
N VAL B 7 -7.87 8.58 -13.37
CA VAL B 7 -8.87 9.26 -12.58
C VAL B 7 -8.94 8.73 -11.15
N VAL B 8 -9.13 9.67 -10.22
CA VAL B 8 -9.50 9.36 -8.85
C VAL B 8 -11.02 9.46 -8.79
N PRO B 9 -11.76 8.32 -8.73
CA PRO B 9 -13.22 8.38 -8.81
C PRO B 9 -13.85 8.32 -7.44
N PHE B 10 -14.45 9.39 -6.98
CA PHE B 10 -14.97 9.42 -5.62
C PHE B 10 -16.35 8.75 -5.54
N HIS B 11 -16.59 8.10 -4.41
CA HIS B 11 -17.90 7.61 -4.02
C HIS B 11 -18.34 8.56 -2.90
N GLY B 12 -19.24 9.48 -3.23
CA GLY B 12 -19.54 10.49 -2.26
C GLY B 12 -18.31 11.34 -2.02
N THR B 13 -18.21 11.91 -0.81
CA THR B 13 -17.04 12.72 -0.51
C THR B 13 -16.01 12.02 0.37
N SER B 14 -16.35 10.88 0.98
CA SER B 14 -15.51 10.25 1.97
C SER B 14 -14.84 8.97 1.48
N GLU B 15 -15.18 8.51 0.30
CA GLU B 15 -14.67 7.24 -0.21
C GLU B 15 -14.23 7.39 -1.64
N VAL B 16 -13.41 6.43 -2.07
N VAL B 16 -13.38 6.47 -2.10
CA VAL B 16 -12.84 6.38 -3.42
CA VAL B 16 -12.95 6.45 -3.48
C VAL B 16 -13.10 4.99 -4.00
C VAL B 16 -13.06 5.04 -4.03
N TRP B 17 -13.54 4.95 -5.26
CA TRP B 17 -13.65 3.69 -5.96
C TRP B 17 -12.27 3.24 -6.43
N MET B 18 -12.06 1.91 -6.41
CA MET B 18 -10.84 1.30 -6.93
C MET B 18 -11.20 0.10 -7.77
N VAL B 19 -10.31 -0.25 -8.70
CA VAL B 19 -10.54 -1.36 -9.62
C VAL B 19 -9.48 -2.41 -9.37
N PRO B 20 -9.77 -3.69 -9.60
CA PRO B 20 -8.75 -4.71 -9.35
C PRO B 20 -7.65 -4.66 -10.41
N SER B 21 -6.41 -4.92 -9.97
CA SER B 21 -5.31 -5.12 -10.90
C SER B 21 -5.14 -6.61 -11.20
N LYS B 22 -4.19 -6.92 -12.10
CA LYS B 22 -3.92 -8.32 -12.45
C LYS B 22 -3.40 -9.11 -11.25
N GLU B 23 -2.40 -8.56 -10.56
CA GLU B 23 -1.76 -9.31 -9.48
C GLU B 23 -1.25 -8.38 -8.38
N SER B 24 -1.73 -7.13 -8.33
CA SER B 24 -1.18 -6.16 -7.41
C SER B 24 -2.25 -5.55 -6.51
N GLY B 25 -3.41 -6.17 -6.38
CA GLY B 25 -4.43 -5.58 -5.53
C GLY B 25 -5.08 -4.39 -6.20
N TRP B 26 -5.57 -3.46 -5.38
CA TRP B 26 -6.45 -2.40 -5.85
C TRP B 26 -5.67 -1.27 -6.50
N ILE B 27 -6.21 -0.73 -7.58
CA ILE B 27 -5.57 0.38 -8.30
C ILE B 27 -6.62 1.40 -8.69
N LEU B 28 -6.12 2.58 -9.20
CA LEU B 28 -6.99 3.56 -9.81
C LEU B 28 -6.97 3.39 -11.33
N PRO B 29 -8.07 3.74 -12.01
CA PRO B 29 -8.13 3.58 -13.47
C PRO B 29 -7.18 4.53 -14.20
N LYS B 30 -6.48 3.99 -15.18
CA LYS B 30 -5.73 4.81 -16.11
C LYS B 30 -5.66 4.10 -17.45
N GLY B 31 -5.34 4.88 -18.48
CA GLY B 31 -5.10 4.33 -19.78
C GLY B 31 -4.65 5.39 -20.77
N GLY B 32 -4.51 4.96 -22.03
CA GLY B 32 -3.89 5.80 -23.03
C GLY B 32 -4.89 6.68 -23.78
N LEU B 33 -4.41 7.87 -24.17
CA LEU B 33 -5.16 8.70 -25.10
C LEU B 33 -5.40 7.92 -26.38
N ASP B 34 -6.57 8.10 -27.00
CA ASP B 34 -6.77 7.57 -28.33
C ASP B 34 -7.27 8.66 -29.27
N VAL B 35 -7.41 8.30 -30.54
CA VAL B 35 -7.71 9.25 -31.60
C VAL B 35 -9.05 9.91 -31.35
N GLN B 36 -10.04 9.13 -30.92
CA GLN B 36 -11.39 9.66 -30.75
C GLN B 36 -11.49 10.61 -29.56
N ASP B 37 -10.48 10.69 -28.71
CA ASP B 37 -10.47 11.70 -27.66
C ASP B 37 -10.28 13.11 -28.19
N GLY B 38 -9.80 13.25 -29.42
CA GLY B 38 -9.64 14.57 -30.01
C GLY B 38 -8.70 15.46 -29.23
N GLY B 39 -7.68 14.89 -28.61
CA GLY B 39 -6.75 15.68 -27.82
C GLY B 39 -7.33 16.32 -26.58
N ASP B 40 -8.51 15.89 -26.14
CA ASP B 40 -9.21 16.48 -25.03
C ASP B 40 -9.03 15.61 -23.80
N TRP B 41 -8.35 16.14 -22.79
CA TRP B 41 -8.04 15.31 -21.64
C TRP B 41 -9.30 14.89 -20.90
N GLU B 42 -10.28 15.79 -20.82
CA GLU B 42 -11.52 15.44 -20.12
C GLU B 42 -12.19 14.25 -20.81
N THR B 43 -12.18 14.24 -22.15
CA THR B 43 -12.79 13.15 -22.87
C THR B 43 -12.06 11.84 -22.60
N CYS B 44 -10.72 11.89 -22.60
CA CYS B 44 -9.92 10.73 -22.23
C CYS B 44 -10.28 10.23 -20.84
N VAL B 45 -10.35 11.15 -19.88
CA VAL B 45 -10.61 10.77 -18.51
C VAL B 45 -11.96 10.06 -18.40
N ARG B 46 -12.99 10.65 -19.00
CA ARG B 46 -14.31 10.06 -18.91
C ARG B 46 -14.33 8.70 -19.58
N ARG B 47 -13.59 8.56 -20.68
CA ARG B 47 -13.53 7.29 -21.39
C ARG B 47 -12.82 6.22 -20.56
N GLU B 48 -11.65 6.56 -20.00
CA GLU B 48 -10.93 5.60 -19.17
C GLU B 48 -11.77 5.20 -17.95
N ALA B 49 -12.49 6.17 -17.36
CA ALA B 49 -13.34 5.83 -16.21
C ALA B 49 -14.42 4.83 -16.61
N ARG B 50 -15.00 4.99 -17.80
N ARG B 50 -14.99 4.98 -17.80
CA ARG B 50 -16.00 4.06 -18.29
CA ARG B 50 -16.00 4.02 -18.25
C ARG B 50 -15.39 2.70 -18.64
C ARG B 50 -15.38 2.68 -18.63
N GLU B 51 -14.24 2.71 -19.32
CA GLU B 51 -13.63 1.45 -19.77
C GLU B 51 -13.14 0.61 -18.61
N GLU B 52 -12.53 1.23 -17.60
CA GLU B 52 -11.90 0.46 -16.54
C GLU B 52 -12.78 0.27 -15.31
N GLY B 53 -13.73 1.18 -15.07
CA GLY B 53 -14.54 1.10 -13.87
C GLY B 53 -16.03 1.14 -14.10
N GLY B 54 -16.44 1.43 -15.33
CA GLY B 54 -17.86 1.66 -15.58
C GLY B 54 -18.40 2.88 -14.88
N PHE B 55 -17.56 3.88 -14.63
CA PHE B 55 -17.97 5.07 -13.91
C PHE B 55 -18.43 6.17 -14.87
N THR B 56 -19.59 6.75 -14.58
CA THR B 56 -19.95 8.08 -15.06
C THR B 56 -19.59 9.08 -13.98
N LEU B 57 -19.03 10.22 -14.40
CA LEU B 57 -18.55 11.22 -13.47
C LEU B 57 -19.29 12.54 -13.67
N GLY B 58 -19.34 13.34 -12.60
CA GLY B 58 -19.72 14.73 -12.70
C GLY B 58 -18.57 15.57 -13.22
N PRO B 59 -18.53 16.84 -12.86
CA PRO B 59 -17.41 17.69 -13.28
C PRO B 59 -16.08 17.12 -12.79
N VAL B 60 -15.06 17.26 -13.63
CA VAL B 60 -13.74 16.71 -13.32
C VAL B 60 -12.75 17.86 -13.14
N GLU B 61 -11.71 17.58 -12.36
CA GLU B 61 -10.67 18.55 -12.07
C GLU B 61 -9.30 17.92 -12.19
N TYR B 62 -8.38 18.66 -12.80
CA TYR B 62 -7.02 18.18 -12.97
C TYR B 62 -6.24 18.27 -11.66
N LEU B 63 -5.54 17.17 -11.35
CA LEU B 63 -4.79 17.04 -10.11
C LEU B 63 -3.29 17.29 -10.29
N GLY B 64 -2.77 16.92 -11.43
CA GLY B 64 -1.33 16.89 -11.63
C GLY B 64 -0.98 15.78 -12.61
N THR B 65 0.24 15.84 -13.08
CA THR B 65 0.80 14.81 -13.96
C THR B 65 1.81 14.04 -13.11
N PHE B 66 1.49 12.77 -12.83
CA PHE B 66 2.28 11.91 -11.98
C PHE B 66 2.60 10.65 -12.77
N GLY B 67 3.87 10.30 -12.83
CA GLY B 67 4.24 9.09 -13.55
C GLY B 67 3.88 9.11 -15.02
N ASP B 68 4.00 10.27 -15.66
CA ASP B 68 3.72 10.48 -17.08
C ASP B 68 2.25 10.23 -17.39
N ILE B 69 1.39 10.42 -16.39
CA ILE B 69 -0.05 10.26 -16.53
C ILE B 69 -0.71 11.55 -16.06
N VAL B 70 -1.64 12.07 -16.86
CA VAL B 70 -2.47 13.22 -16.49
C VAL B 70 -3.63 12.73 -15.64
N TRP B 71 -3.68 13.15 -14.39
CA TRP B 71 -4.66 12.68 -13.41
C TRP B 71 -5.71 13.74 -13.15
N TYR B 72 -6.97 13.29 -13.15
CA TYR B 72 -8.13 14.08 -12.78
C TYR B 72 -8.83 13.40 -11.61
N LYS B 73 -9.62 14.17 -10.88
CA LYS B 73 -10.62 13.59 -10.00
C LYS B 73 -12.01 13.87 -10.55
N GLY B 74 -12.95 13.04 -10.14
CA GLY B 74 -14.36 13.31 -10.37
C GLY B 74 -15.16 12.45 -9.42
N THR B 75 -16.40 12.85 -9.19
CA THR B 75 -17.32 12.12 -8.33
C THR B 75 -18.21 11.22 -9.18
N VAL B 76 -18.33 9.95 -8.79
CA VAL B 76 -19.13 9.04 -9.59
C VAL B 76 -20.60 9.36 -9.43
N THR B 77 -21.30 9.48 -10.56
CA THR B 77 -22.74 9.71 -10.54
C THR B 77 -23.55 8.53 -11.03
N HIS B 78 -22.92 7.53 -11.63
CA HIS B 78 -23.62 6.36 -12.13
C HIS B 78 -22.56 5.29 -12.32
N LYS B 79 -22.93 4.03 -12.09
CA LYS B 79 -21.99 2.92 -12.06
C LYS B 79 -22.55 1.77 -12.90
N SER B 80 -21.74 1.29 -13.84
CA SER B 80 -22.04 0.06 -14.59
C SER B 80 -20.81 -0.84 -14.59
N ASP B 81 -20.92 -2.03 -15.20
CA ASP B 81 -19.74 -2.85 -15.46
C ASP B 81 -18.78 -2.05 -16.32
N PRO B 82 -17.47 -2.22 -16.13
CA PRO B 82 -16.49 -1.64 -17.07
C PRO B 82 -16.65 -2.27 -18.45
N THR B 83 -16.38 -1.47 -19.48
CA THR B 83 -16.53 -1.99 -20.83
C THR B 83 -15.32 -2.77 -21.33
N ASP B 84 -14.14 -2.60 -20.71
CA ASP B 84 -12.95 -3.36 -21.09
C ASP B 84 -13.10 -4.78 -20.57
N PRO B 85 -13.22 -5.78 -21.45
CA PRO B 85 -13.51 -7.13 -20.95
C PRO B 85 -12.41 -7.70 -20.10
N GLU B 86 -11.15 -7.33 -20.35
CA GLU B 86 -10.05 -7.85 -19.52
C GLU B 86 -10.16 -7.34 -18.09
N VAL B 87 -10.48 -6.07 -17.93
CA VAL B 87 -10.67 -5.52 -16.59
C VAL B 87 -11.94 -6.10 -15.97
N LYS B 88 -13.03 -6.21 -16.75
CA LYS B 88 -14.28 -6.73 -16.19
C LYS B 88 -14.06 -8.08 -15.51
N ALA B 89 -13.32 -8.98 -16.16
CA ALA B 89 -13.15 -10.32 -15.63
C ALA B 89 -12.46 -10.35 -14.27
N ARG B 90 -11.71 -9.30 -13.92
CA ARG B 90 -11.00 -9.28 -12.65
C ARG B 90 -11.91 -9.01 -11.46
N GLY B 91 -13.16 -8.69 -11.69
CA GLY B 91 -14.12 -8.61 -10.61
C GLY B 91 -14.57 -7.20 -10.31
N PRO B 92 -15.67 -7.09 -9.56
CA PRO B 92 -16.26 -5.78 -9.28
C PRO B 92 -15.30 -4.81 -8.62
N ALA B 93 -15.40 -3.55 -9.07
CA ALA B 93 -14.79 -2.46 -8.35
C ALA B 93 -15.45 -2.31 -6.99
N LYS B 94 -14.71 -1.74 -6.04
CA LYS B 94 -15.17 -1.52 -4.68
C LYS B 94 -14.74 -0.12 -4.25
N HIS B 95 -15.51 0.49 -3.37
CA HIS B 95 -15.12 1.76 -2.80
C HIS B 95 -14.69 1.59 -1.37
N PHE B 96 -13.76 2.46 -0.98
CA PHE B 96 -13.08 2.39 0.30
C PHE B 96 -12.93 3.79 0.88
N THR B 97 -12.81 3.85 2.20
CA THR B 97 -12.47 5.14 2.80
C THR B 97 -11.15 5.65 2.20
N ILE B 98 -11.01 6.98 2.20
N ILE B 98 -10.99 6.96 2.22
CA ILE B 98 -9.77 7.58 1.73
CA ILE B 98 -9.76 7.53 1.67
C ILE B 98 -8.57 6.89 2.38
C ILE B 98 -8.55 6.92 2.37
N SER B 99 -8.61 6.76 3.70
CA SER B 99 -7.50 6.14 4.42
C SER B 99 -7.22 4.72 3.92
N ASP B 100 -8.27 3.91 3.76
CA ASP B 100 -8.05 2.55 3.27
C ASP B 100 -7.49 2.58 1.85
N ALA B 101 -8.07 3.41 0.98
CA ALA B 101 -7.58 3.52 -0.39
C ALA B 101 -6.11 3.93 -0.41
N ARG B 102 -5.74 4.94 0.38
CA ARG B 102 -4.35 5.30 0.49
C ARG B 102 -3.50 4.08 0.84
N GLY B 103 -3.93 3.30 1.82
CA GLY B 103 -3.13 2.17 2.22
C GLY B 103 -2.98 1.13 1.13
N TYR B 104 -4.02 0.94 0.32
CA TYR B 104 -3.91 -0.03 -0.78
C TYR B 104 -2.97 0.45 -1.88
N LEU B 105 -2.67 1.75 -1.94
CA LEU B 105 -1.81 2.29 -2.97
C LEU B 105 -0.35 2.51 -2.53
N THR B 106 -0.04 2.44 -1.25
CA THR B 106 1.32 2.73 -0.79
C THR B 106 2.19 1.47 -0.77
N GLY B 107 3.48 1.65 -1.07
CA GLY B 107 4.42 0.56 -0.95
C GLY B 107 4.58 -0.35 -2.15
N TYR B 108 4.17 0.09 -3.34
CA TYR B 108 4.31 -0.69 -4.57
C TYR B 108 5.30 -0.08 -5.56
N GLY B 109 6.05 0.94 -5.15
CA GLY B 109 6.96 1.52 -6.13
C GLY B 109 6.22 2.17 -7.28
N LYS B 110 6.89 2.22 -8.44
CA LYS B 110 6.32 2.90 -9.61
C LYS B 110 5.02 2.25 -10.06
N LYS B 111 4.73 1.02 -9.66
CA LYS B 111 3.47 0.40 -10.04
C LYS B 111 2.28 1.22 -9.57
N LYS B 112 2.37 1.82 -8.37
CA LYS B 112 1.25 2.59 -7.84
C LYS B 112 1.58 3.97 -7.28
N ASP B 113 2.85 4.37 -7.24
CA ASP B 113 3.17 5.64 -6.62
C ASP B 113 2.44 6.81 -7.28
N ALA B 114 2.27 6.78 -8.60
CA ALA B 114 1.55 7.85 -9.27
C ALA B 114 0.08 7.88 -8.85
N MET B 115 -0.53 6.71 -8.63
CA MET B 115 -1.90 6.69 -8.18
C MET B 115 -2.01 7.27 -6.78
N LEU B 116 -1.07 6.93 -5.93
CA LEU B 116 -1.04 7.47 -4.57
C LEU B 116 -0.92 8.98 -4.61
N GLU B 117 0.01 9.50 -5.43
CA GLU B 117 0.17 10.94 -5.58
C GLU B 117 -1.13 11.59 -6.04
N ALA B 118 -1.83 10.95 -6.96
CA ALA B 118 -3.09 11.50 -7.43
C ALA B 118 -4.11 11.54 -6.31
N LEU B 119 -4.26 10.42 -5.57
CA LEU B 119 -5.19 10.41 -4.46
C LEU B 119 -4.86 11.49 -3.45
N ASN B 120 -3.59 11.65 -3.14
CA ASN B 120 -3.20 12.65 -2.16
C ASN B 120 -3.50 14.05 -2.68
N ALA B 121 -3.27 14.27 -3.98
CA ALA B 121 -3.62 15.56 -4.58
C ALA B 121 -5.11 15.84 -4.47
N ALA B 122 -5.92 14.79 -4.60
CA ALA B 122 -7.36 14.96 -4.61
C ALA B 122 -7.93 15.18 -3.22
N THR B 123 -7.18 14.84 -2.18
CA THR B 123 -7.68 14.83 -0.81
C THR B 123 -6.91 15.74 0.14
N ARG B 124 -5.85 16.41 -0.34
CA ARG B 124 -5.07 17.29 0.52
C ARG B 124 -5.89 18.49 0.96
N GLY B 125 -5.70 18.88 2.21
CA GLY B 125 -6.34 20.06 2.74
C GLY B 125 -5.64 21.32 2.29
N SER B 126 -6.25 22.44 2.64
N SER B 126 -6.19 22.44 2.74
CA SER B 126 -5.77 23.76 2.24
CA SER B 126 -5.66 23.75 2.37
C SER B 126 -5.90 24.65 3.45
C SER B 126 -5.90 24.77 3.46
#